data_3G16
#
_entry.id   3G16
#
_cell.length_a   48.560
_cell.length_b   68.450
_cell.length_c   107.460
_cell.angle_alpha   90.000
_cell.angle_beta   90.000
_cell.angle_gamma   90.000
#
_symmetry.space_group_name_H-M   'P 21 21 21'
#
loop_
_entity.id
_entity.type
_entity.pdbx_description
1 polymer 'uncharacterized protein with cystatin-like fold'
2 non-polymer 'UNKNOWN LIGAND'
3 non-polymer 'CHLORIDE ION'
4 non-polymer GLYCEROL
5 water water
#
_entity_poly.entity_id   1
_entity_poly.type   'polypeptide(L)'
_entity_poly.pdbx_seq_one_letter_code
;G(MSE)TAPTLSRAA(MSE)EKVIRTYYDGCNEADEAK(MSE)IACFVPEAVHYFPAG(MSE)YGGAFRGAAQIAHRWRT
AVETLGSYWTIDALVIDAETAEAAIEWTHFKTNQDKVLRGAECVEFDRASGLIREIRAFYASPQAEGIARLELGDFDYAG
RGYRVTSPRKPA
;
_entity_poly.pdbx_strand_id   A,B
#
# COMPACT_ATOMS: atom_id res chain seq x y z
N GLY A 1 25.83 -5.69 -22.51
CA GLY A 1 24.86 -4.71 -21.97
C GLY A 1 23.42 -5.01 -22.34
N THR A 3 19.13 -2.97 -22.26
CA THR A 3 18.34 -1.78 -22.03
C THR A 3 17.00 -2.26 -21.44
N ALA A 4 16.69 -1.88 -20.21
CA ALA A 4 15.44 -2.29 -19.57
C ALA A 4 14.26 -1.72 -20.34
N PRO A 5 13.33 -2.58 -20.83
CA PRO A 5 12.17 -1.98 -21.54
C PRO A 5 11.35 -1.05 -20.66
N THR A 6 10.90 0.05 -21.25
CA THR A 6 9.92 0.92 -20.60
C THR A 6 8.54 0.45 -21.03
N LEU A 7 7.81 -0.05 -20.07
CA LEU A 7 6.41 -0.43 -20.30
C LEU A 7 5.58 0.85 -20.27
N SER A 8 4.61 0.97 -21.16
CA SER A 8 3.70 2.12 -21.12
C SER A 8 2.79 2.06 -19.91
N ARG A 9 2.29 3.21 -19.50
CA ARG A 9 1.32 3.28 -18.42
CA ARG A 9 1.34 3.26 -18.41
CA ARG A 9 1.34 3.22 -18.39
C ARG A 9 0.10 2.43 -18.77
N ALA A 10 -0.37 2.59 -19.99
CA ALA A 10 -1.56 1.86 -20.47
C ALA A 10 -1.38 0.36 -20.41
N ALA A 11 -0.19 -0.11 -20.79
CA ALA A 11 0.08 -1.55 -20.76
C ALA A 11 -0.02 -2.10 -19.36
N GLU A 13 -1.64 -0.74 -16.80
CA GLU A 13 -3.02 -0.64 -16.36
C GLU A 13 -3.85 -1.79 -16.91
N LYS A 14 -3.65 -2.14 -18.17
CA LYS A 14 -4.40 -3.21 -18.80
CA LYS A 14 -4.43 -3.20 -18.79
C LYS A 14 -4.17 -4.54 -18.11
N VAL A 15 -2.92 -4.86 -17.78
CA VAL A 15 -2.67 -6.10 -17.07
C VAL A 15 -3.31 -6.11 -15.68
N ILE A 16 -3.20 -5.00 -14.96
CA ILE A 16 -3.79 -4.92 -13.63
C ILE A 16 -5.31 -5.08 -13.68
N ARG A 17 -5.95 -4.41 -14.61
CA ARG A 17 -7.39 -4.51 -14.64
CA ARG A 17 -7.39 -4.51 -14.70
C ARG A 17 -7.85 -5.94 -15.10
N THR A 18 -7.08 -6.55 -16.03
CA THR A 18 -7.39 -7.89 -16.45
C THR A 18 -7.29 -8.85 -15.22
N TYR A 19 -6.26 -8.63 -14.40
CA TYR A 19 -6.02 -9.43 -13.21
C TYR A 19 -7.23 -9.36 -12.26
N TYR A 20 -7.62 -8.12 -11.93
CA TYR A 20 -8.78 -7.92 -11.03
C TYR A 20 -10.06 -8.49 -11.63
N ASP A 21 -10.24 -8.34 -12.94
CA ASP A 21 -11.39 -8.95 -13.61
C ASP A 21 -11.36 -10.46 -13.37
N GLY A 22 -10.20 -11.04 -13.61
CA GLY A 22 -10.03 -12.47 -13.42
C GLY A 22 -10.29 -12.92 -12.00
N CYS A 23 -9.84 -12.11 -11.05
CA CYS A 23 -10.16 -12.39 -9.65
C CYS A 23 -11.67 -12.45 -9.43
N ASN A 24 -12.38 -11.40 -9.85
CA ASN A 24 -13.83 -11.39 -9.62
C ASN A 24 -14.56 -12.50 -10.36
N GLU A 25 -14.02 -12.87 -11.52
CA GLU A 25 -14.60 -13.91 -12.37
C GLU A 25 -14.18 -15.31 -11.96
N ALA A 26 -13.33 -15.43 -10.96
CA ALA A 26 -12.84 -16.74 -10.55
C ALA A 26 -12.29 -17.51 -11.77
N ASP A 27 -11.56 -16.81 -12.63
CA ASP A 27 -11.03 -17.35 -13.89
C ASP A 27 -9.55 -17.53 -13.73
N GLU A 28 -9.12 -18.74 -13.39
CA GLU A 28 -7.71 -19.01 -13.13
CA GLU A 28 -7.72 -19.01 -13.15
C GLU A 28 -6.84 -18.76 -14.35
N ALA A 29 -7.28 -19.18 -15.51
CA ALA A 29 -6.50 -18.95 -16.72
C ALA A 29 -6.27 -17.46 -16.98
N LYS A 30 -7.31 -16.66 -16.79
CA LYS A 30 -7.21 -15.22 -17.03
CA LYS A 30 -7.23 -15.25 -17.02
C LYS A 30 -6.22 -14.61 -16.05
N ILE A 32 -3.72 -16.16 -14.39
CA ILE A 32 -2.39 -16.68 -14.63
C ILE A 32 -1.68 -15.93 -15.75
N ALA A 33 -2.44 -15.53 -16.77
CA ALA A 33 -1.89 -14.84 -17.93
C ALA A 33 -1.39 -13.43 -17.62
N CYS A 34 -1.72 -12.92 -16.41
CA CYS A 34 -1.27 -11.60 -16.04
C CYS A 34 0.06 -11.57 -15.31
N PHE A 35 0.59 -12.76 -15.02
CA PHE A 35 1.82 -12.91 -14.26
C PHE A 35 2.90 -13.69 -14.95
N VAL A 36 4.15 -13.42 -14.62
CA VAL A 36 5.21 -14.38 -14.95
C VAL A 36 4.89 -15.64 -14.10
N PRO A 37 5.22 -16.83 -14.58
CA PRO A 37 4.85 -18.07 -13.84
C PRO A 37 5.32 -18.12 -12.42
N GLU A 38 6.48 -17.59 -12.14
CA GLU A 38 7.07 -17.63 -10.82
C GLU A 38 6.67 -16.48 -9.91
N ALA A 39 5.69 -15.66 -10.31
CA ALA A 39 5.31 -14.53 -9.50
C ALA A 39 4.93 -14.94 -8.09
N VAL A 40 5.24 -14.08 -7.14
CA VAL A 40 4.91 -14.30 -5.73
C VAL A 40 4.04 -13.14 -5.23
N HIS A 41 3.01 -13.48 -4.46
CA HIS A 41 2.16 -12.49 -3.76
C HIS A 41 2.48 -12.61 -2.27
N TYR A 42 2.82 -11.48 -1.64
CA TYR A 42 3.09 -11.40 -0.21
C TYR A 42 1.95 -10.69 0.47
N PHE A 43 1.83 -10.99 1.76
CA PHE A 43 0.76 -10.47 2.63
C PHE A 43 1.34 -10.20 4.00
N PRO A 44 0.58 -9.47 4.81
CA PRO A 44 1.06 -9.35 6.19
C PRO A 44 1.38 -10.71 6.80
N ALA A 45 2.41 -10.80 7.63
CA ALA A 45 2.73 -12.08 8.29
C ALA A 45 1.50 -12.45 9.13
N GLY A 46 1.15 -13.71 9.08
CA GLY A 46 0.00 -14.24 9.79
C GLY A 46 -1.17 -14.47 8.89
N TYR A 48 -2.97 -16.08 5.53
CA TYR A 48 -3.09 -17.07 4.47
C TYR A 48 -1.93 -18.04 4.52
N GLY A 49 -1.37 -18.25 5.70
CA GLY A 49 -0.26 -19.15 5.94
C GLY A 49 1.07 -18.79 5.35
N GLY A 50 1.18 -17.58 4.77
CA GLY A 50 2.39 -17.15 4.13
C GLY A 50 2.13 -16.69 2.70
N ALA A 51 3.21 -16.57 1.96
CA ALA A 51 3.12 -16.03 0.58
C ALA A 51 2.44 -17.03 -0.33
N PHE A 52 1.98 -16.52 -1.46
CA PHE A 52 1.42 -17.36 -2.55
C PHE A 52 2.53 -17.49 -3.60
N ARG A 53 3.06 -18.67 -3.77
CA ARG A 53 4.21 -18.89 -4.63
C ARG A 53 3.84 -19.42 -6.00
N GLY A 54 3.88 -18.53 -6.98
CA GLY A 54 3.60 -18.87 -8.35
C GLY A 54 2.26 -18.39 -8.82
N ALA A 55 2.19 -18.00 -10.09
CA ALA A 55 0.94 -17.51 -10.66
C ALA A 55 -0.22 -18.48 -10.46
N ALA A 56 0.03 -19.77 -10.67
CA ALA A 56 -1.05 -20.76 -10.58
C ALA A 56 -1.63 -20.81 -9.18
N GLN A 57 -0.78 -20.61 -8.19
CA GLN A 57 -1.19 -20.63 -6.79
C GLN A 57 -1.99 -19.38 -6.42
N ILE A 58 -1.54 -18.22 -6.88
CA ILE A 58 -2.29 -17.00 -6.65
C ILE A 58 -3.69 -17.20 -7.23
N ALA A 59 -3.77 -17.69 -8.48
CA ALA A 59 -5.04 -17.83 -9.15
C ALA A 59 -5.96 -18.83 -8.45
N HIS A 60 -5.39 -19.96 -8.05
CA HIS A 60 -6.20 -20.99 -7.38
C HIS A 60 -6.78 -20.48 -6.08
N ARG A 61 -5.96 -19.76 -5.32
CA ARG A 61 -6.38 -19.31 -4.00
C ARG A 61 -7.45 -18.21 -4.11
N TRP A 62 -7.33 -17.32 -5.10
CA TRP A 62 -8.39 -16.34 -5.28
C TRP A 62 -9.65 -17.01 -5.80
N ARG A 63 -9.56 -18.03 -6.67
CA ARG A 63 -10.74 -18.72 -7.11
C ARG A 63 -11.45 -19.33 -5.89
N THR A 64 -10.71 -19.92 -4.96
CA THR A 64 -11.26 -20.48 -3.75
CA THR A 64 -11.37 -20.50 -3.79
C THR A 64 -11.98 -19.41 -2.93
N ALA A 65 -11.37 -18.24 -2.86
CA ALA A 65 -11.95 -17.14 -2.09
C ALA A 65 -13.29 -16.73 -2.67
N VAL A 66 -13.36 -16.60 -3.98
CA VAL A 66 -14.65 -16.25 -4.58
C VAL A 66 -15.72 -17.30 -4.26
N GLU A 67 -15.34 -18.56 -4.36
CA GLU A 67 -16.30 -19.64 -4.16
C GLU A 67 -16.77 -19.72 -2.73
N THR A 68 -15.86 -19.54 -1.80
CA THR A 68 -16.21 -19.74 -0.38
C THR A 68 -16.64 -18.49 0.35
N LEU A 69 -16.03 -17.34 0.02
CA LEU A 69 -16.32 -16.10 0.70
C LEU A 69 -17.22 -15.15 -0.12
N GLY A 70 -17.38 -15.43 -1.40
CA GLY A 70 -18.06 -14.48 -2.27
C GLY A 70 -17.20 -13.24 -2.52
N SER A 71 -15.87 -13.35 -2.38
CA SER A 71 -14.96 -12.25 -2.53
C SER A 71 -15.23 -11.46 -3.81
N TYR A 72 -15.22 -10.15 -3.67
CA TYR A 72 -15.33 -9.25 -4.82
C TYR A 72 -14.40 -8.11 -4.52
N TRP A 73 -13.52 -7.79 -5.45
CA TRP A 73 -12.53 -6.76 -5.29
C TRP A 73 -12.81 -5.55 -6.16
N THR A 74 -12.47 -4.38 -5.65
CA THR A 74 -12.52 -3.15 -6.39
C THR A 74 -11.16 -2.47 -6.37
N ILE A 75 -10.84 -1.79 -7.49
CA ILE A 75 -9.65 -0.95 -7.61
C ILE A 75 -10.14 0.44 -7.25
N ASP A 76 -9.67 0.97 -6.13
CA ASP A 76 -10.10 2.26 -5.64
C ASP A 76 -9.16 3.40 -6.03
N ALA A 77 -7.88 3.10 -6.16
CA ALA A 77 -6.90 4.08 -6.65
C ALA A 77 -5.84 3.30 -7.35
N LEU A 78 -5.25 3.88 -8.38
CA LEU A 78 -4.25 3.18 -9.18
C LEU A 78 -3.13 4.17 -9.50
N VAL A 79 -1.91 3.88 -9.05
CA VAL A 79 -0.75 4.74 -9.22
C VAL A 79 0.23 3.97 -10.08
N ILE A 80 0.56 4.51 -11.24
CA ILE A 80 1.42 3.82 -12.20
C ILE A 80 2.68 4.62 -12.51
N ASP A 81 3.82 3.96 -12.35
CA ASP A 81 5.14 4.60 -12.52
C ASP A 81 5.89 3.95 -13.70
N ALA A 82 5.87 4.65 -14.85
CA ALA A 82 6.59 4.11 -16.00
C ALA A 82 8.12 4.22 -15.88
N GLU A 83 8.64 5.02 -14.97
CA GLU A 83 10.07 5.09 -14.81
C GLU A 83 10.60 3.83 -14.17
N THR A 84 9.84 3.28 -13.22
CA THR A 84 10.27 2.11 -12.47
C THR A 84 9.58 0.80 -12.87
N ALA A 85 8.58 0.90 -13.73
CA ALA A 85 7.77 -0.25 -14.12
C ALA A 85 7.14 -0.88 -12.88
N GLU A 86 6.56 -0.02 -12.05
CA GLU A 86 5.88 -0.45 -10.85
C GLU A 86 4.57 0.28 -10.74
N ALA A 87 3.64 -0.30 -9.99
CA ALA A 87 2.36 0.31 -9.71
C ALA A 87 2.00 0.11 -8.24
N ALA A 88 1.01 0.87 -7.80
CA ALA A 88 0.44 0.67 -6.48
C ALA A 88 -1.07 0.77 -6.67
N ILE A 89 -1.78 -0.04 -5.91
CA ILE A 89 -3.23 -0.15 -6.02
C ILE A 89 -3.84 -0.03 -4.62
N GLU A 90 -4.82 0.86 -4.43
CA GLU A 90 -5.63 0.89 -3.21
C GLU A 90 -6.86 0.10 -3.58
N TRP A 91 -7.20 -0.89 -2.77
CA TRP A 91 -8.24 -1.84 -3.11
C TRP A 91 -9.20 -2.13 -1.97
N THR A 92 -10.30 -2.78 -2.30
CA THR A 92 -11.24 -3.27 -1.31
C THR A 92 -11.51 -4.72 -1.66
N HIS A 93 -11.46 -5.56 -0.64
CA HIS A 93 -11.81 -6.96 -0.70
C HIS A 93 -13.14 -7.09 0.08
N PHE A 94 -14.24 -7.24 -0.64
CA PHE A 94 -15.54 -7.44 -0.04
C PHE A 94 -15.70 -8.94 0.16
N LYS A 95 -15.76 -9.36 1.41
CA LYS A 95 -15.99 -10.79 1.74
C LYS A 95 -17.50 -10.89 1.87
N THR A 96 -18.15 -10.93 0.72
CA THR A 96 -19.56 -10.75 0.62
C THR A 96 -20.36 -11.65 1.53
N ASN A 97 -20.03 -12.95 1.49
CA ASN A 97 -20.85 -13.91 2.22
C ASN A 97 -20.66 -13.86 3.73
N GLN A 98 -19.64 -13.16 4.19
CA GLN A 98 -19.38 -12.94 5.63
C GLN A 98 -19.83 -11.55 6.07
N ASP A 99 -20.31 -10.73 5.14
CA ASP A 99 -20.65 -9.36 5.37
C ASP A 99 -19.47 -8.62 6.03
N LYS A 100 -18.28 -8.82 5.48
CA LYS A 100 -17.07 -8.16 5.96
C LYS A 100 -16.40 -7.43 4.82
N VAL A 101 -15.72 -6.36 5.19
CA VAL A 101 -15.01 -5.52 4.25
C VAL A 101 -13.57 -5.35 4.73
N LEU A 102 -12.61 -5.60 3.85
CA LEU A 102 -11.19 -5.40 4.16
C LEU A 102 -10.64 -4.48 3.07
N ARG A 103 -10.09 -3.33 3.44
CA ARG A 103 -9.44 -2.44 2.49
C ARG A 103 -7.94 -2.48 2.71
N GLY A 104 -7.20 -2.14 1.69
CA GLY A 104 -5.76 -2.15 1.74
C GLY A 104 -5.10 -1.51 0.56
N ALA A 105 -3.79 -1.69 0.45
CA ALA A 105 -3.04 -1.19 -0.69
C ALA A 105 -1.94 -2.17 -0.98
N GLU A 106 -1.51 -2.21 -2.23
CA GLU A 106 -0.44 -3.12 -2.59
C GLU A 106 0.50 -2.53 -3.60
N CYS A 107 1.77 -2.95 -3.51
CA CYS A 107 2.80 -2.58 -4.48
C CYS A 107 2.89 -3.69 -5.49
N VAL A 108 2.99 -3.32 -6.76
CA VAL A 108 3.04 -4.29 -7.86
C VAL A 108 4.27 -4.04 -8.67
N GLU A 109 5.14 -5.05 -8.83
CA GLU A 109 6.29 -4.95 -9.70
C GLU A 109 6.00 -5.67 -10.99
N PHE A 110 6.37 -5.03 -12.12
CA PHE A 110 6.34 -5.66 -13.42
C PHE A 110 7.69 -6.20 -13.81
N ASP A 111 7.62 -7.31 -14.53
CA ASP A 111 8.76 -7.85 -15.29
C ASP A 111 8.74 -7.08 -16.62
N ARG A 112 9.73 -6.21 -16.81
CA ARG A 112 9.81 -5.40 -18.03
C ARG A 112 9.99 -6.25 -19.29
N ALA A 113 10.63 -7.41 -19.15
CA ALA A 113 10.96 -8.26 -20.29
C ALA A 113 9.74 -8.96 -20.84
N SER A 114 8.64 -9.05 -20.09
CA SER A 114 7.41 -9.69 -20.55
C SER A 114 6.19 -8.80 -20.50
N GLY A 115 6.20 -7.76 -19.65
CA GLY A 115 5.07 -6.87 -19.49
C GLY A 115 4.03 -7.41 -18.53
N LEU A 116 4.42 -8.44 -17.75
CA LEU A 116 3.52 -9.08 -16.81
C LEU A 116 3.98 -8.84 -15.37
N ILE A 117 3.08 -9.11 -14.42
CA ILE A 117 3.36 -8.88 -13.00
C ILE A 117 4.31 -9.94 -12.48
N ARG A 118 5.32 -9.51 -11.74
CA ARG A 118 6.27 -10.46 -11.13
C ARG A 118 6.12 -10.57 -9.62
N GLU A 119 5.53 -9.57 -8.98
CA GLU A 119 5.41 -9.58 -7.54
C GLU A 119 4.34 -8.62 -7.09
N ILE A 120 3.62 -9.00 -6.03
CA ILE A 120 2.63 -8.12 -5.37
C ILE A 120 2.91 -8.18 -3.87
N ARG A 121 2.96 -7.04 -3.21
CA ARG A 121 3.16 -6.95 -1.74
C ARG A 121 1.95 -6.19 -1.21
N ALA A 122 1.13 -6.88 -0.40
CA ALA A 122 -0.11 -6.26 0.09
C ALA A 122 -0.08 -5.92 1.58
N PHE A 123 -0.75 -4.80 1.87
CA PHE A 123 -0.83 -4.18 3.20
C PHE A 123 -2.28 -3.90 3.48
N TYR A 124 -2.65 -3.85 4.75
CA TYR A 124 -4.05 -3.74 5.14
C TYR A 124 -4.40 -2.54 5.96
N ALA A 125 -5.66 -2.09 5.83
CA ALA A 125 -6.20 -1.09 6.75
C ALA A 125 -6.66 -1.80 8.01
N SER A 126 -5.72 -2.46 8.70
CA SER A 126 -6.00 -3.20 9.90
C SER A 126 -5.07 -2.67 11.00
N PRO A 127 -5.56 -2.52 12.22
CA PRO A 127 -4.69 -1.99 13.25
C PRO A 127 -3.50 -2.89 13.54
N GLN A 128 -2.47 -2.31 14.15
CA GLN A 128 -1.29 -3.06 14.54
C GLN A 128 -1.66 -4.14 15.52
N ALA A 129 -1.24 -5.36 15.25
CA ALA A 129 -1.51 -6.50 16.13
C ALA A 129 -0.70 -6.32 17.42
N GLU A 130 -1.34 -6.52 18.57
CA GLU A 130 -0.67 -6.30 19.86
C GLU A 130 0.39 -7.33 20.15
N GLY A 131 1.48 -6.85 20.75
CA GLY A 131 2.58 -7.72 21.18
C GLY A 131 3.33 -8.47 20.12
N ILE A 132 3.31 -7.97 18.89
CA ILE A 132 4.07 -8.57 17.82
C ILE A 132 5.24 -7.61 17.55
N ALA A 133 6.45 -8.13 17.73
CA ALA A 133 7.67 -7.33 17.62
C ALA A 133 7.91 -6.85 16.20
N ARG A 134 7.64 -7.68 15.20
CA ARG A 134 7.87 -7.34 13.81
CA ARG A 134 7.85 -7.34 13.82
C ARG A 134 6.62 -7.56 13.01
N LEU A 135 6.03 -6.50 12.56
CA LEU A 135 4.84 -6.52 11.72
C LEU A 135 5.32 -6.24 10.29
N GLU A 136 5.53 -7.28 9.50
CA GLU A 136 6.09 -7.17 8.19
C GLU A 136 5.50 -8.28 7.31
N LEU A 137 5.87 -8.32 6.03
CA LEU A 137 5.31 -9.32 5.12
C LEU A 137 5.85 -10.69 5.42
N GLY A 138 4.93 -11.66 5.39
CA GLY A 138 5.32 -13.05 5.57
C GLY A 138 6.14 -13.59 4.41
N ASP A 139 7.19 -14.29 4.73
CA ASP A 139 8.06 -14.94 3.76
C ASP A 139 8.91 -14.02 2.88
N PHE A 140 8.84 -12.72 3.12
CA PHE A 140 9.59 -11.77 2.27
C PHE A 140 11.03 -11.68 2.75
N ASP A 141 11.98 -11.84 1.83
CA ASP A 141 13.39 -11.84 2.19
C ASP A 141 13.91 -10.41 2.32
N TYR A 142 13.53 -9.76 3.40
CA TYR A 142 13.97 -8.37 3.59
C TYR A 142 15.49 -8.19 3.50
N ALA A 143 16.21 -9.05 4.21
CA ALA A 143 17.66 -8.94 4.23
C ALA A 143 18.26 -9.07 2.83
N GLY A 144 17.84 -10.11 2.11
CA GLY A 144 18.40 -10.39 0.80
C GLY A 144 17.98 -9.37 -0.25
N ARG A 145 16.85 -8.72 -0.03
CA ARG A 145 16.35 -7.73 -0.95
C ARG A 145 16.87 -6.32 -0.68
N GLY A 146 17.72 -6.18 0.34
CA GLY A 146 18.33 -4.89 0.58
C GLY A 146 17.53 -3.93 1.43
N TYR A 147 16.46 -4.43 2.04
CA TYR A 147 15.67 -3.62 2.94
C TYR A 147 16.38 -3.59 4.31
N ARG A 148 16.19 -2.52 5.07
CA ARG A 148 16.73 -2.51 6.39
C ARG A 148 15.97 -3.52 7.25
N VAL A 149 16.70 -4.17 8.15
CA VAL A 149 16.16 -5.13 9.05
C VAL A 149 16.13 -4.63 10.49
N THR A 150 17.14 -3.86 10.88
CA THR A 150 17.20 -3.29 12.23
C THR A 150 17.27 -1.75 12.10
N SER A 151 16.83 -1.07 13.13
CA SER A 151 16.75 0.36 13.12
C SER A 151 18.05 1.05 12.76
N PRO A 152 18.02 1.98 11.81
CA PRO A 152 19.18 2.82 11.54
C PRO A 152 19.71 3.61 12.75
N ARG A 153 18.94 3.73 13.81
CA ARG A 153 19.41 4.37 15.01
C ARG A 153 20.30 3.51 15.87
N LYS A 154 20.32 2.21 15.60
CA LYS A 154 21.21 1.26 16.30
C LYS A 154 22.51 1.11 15.51
N PRO A 155 23.68 1.29 16.12
CA PRO A 155 24.94 1.17 15.38
C PRO A 155 25.05 -0.15 14.66
N ALA A 156 25.57 -0.06 13.42
CA ALA A 156 25.69 -1.22 12.50
C ALA A 156 27.04 -1.25 11.86
N PRO B 5 -2.15 22.18 -13.07
CA PRO B 5 -0.76 22.34 -13.53
C PRO B 5 0.07 21.04 -13.43
N THR B 6 1.15 20.98 -14.20
CA THR B 6 2.03 19.80 -14.23
C THR B 6 2.99 19.76 -13.05
N LEU B 7 3.26 18.55 -12.62
CA LEU B 7 4.10 18.30 -11.48
C LEU B 7 4.95 17.12 -11.95
N SER B 8 6.25 17.28 -11.93
CA SER B 8 7.14 16.23 -12.41
C SER B 8 7.35 15.12 -11.37
N ARG B 9 7.74 13.95 -11.86
CA ARG B 9 8.07 12.84 -10.99
C ARG B 9 9.21 13.26 -10.02
N ALA B 10 10.21 13.96 -10.53
CA ALA B 10 11.33 14.41 -9.73
C ALA B 10 10.90 15.39 -8.64
N ALA B 11 9.97 16.28 -8.95
CA ALA B 11 9.49 17.23 -7.96
C ALA B 11 8.73 16.52 -6.84
N GLU B 13 9.16 13.33 -5.95
CA GLU B 13 10.16 12.58 -5.19
C GLU B 13 10.89 13.46 -4.18
N LYS B 14 11.27 14.65 -4.59
CA LYS B 14 11.97 15.58 -3.70
C LYS B 14 11.12 15.95 -2.49
N VAL B 15 9.84 16.24 -2.68
CA VAL B 15 8.95 16.56 -1.56
C VAL B 15 8.83 15.39 -0.59
N ILE B 16 8.64 14.19 -1.14
CA ILE B 16 8.49 12.99 -0.34
C ILE B 16 9.76 12.71 0.48
N ARG B 17 10.93 12.78 -0.18
CA ARG B 17 12.20 12.52 0.52
C ARG B 17 12.50 13.58 1.55
N THR B 18 12.18 14.82 1.26
CA THR B 18 12.33 15.89 2.25
C THR B 18 11.44 15.67 3.47
N TYR B 19 10.21 15.23 3.23
CA TYR B 19 9.27 14.91 4.31
C TYR B 19 9.82 13.81 5.22
N TYR B 20 10.28 12.70 4.63
CA TYR B 20 10.79 11.62 5.46
C TYR B 20 12.07 12.04 6.17
N ASP B 21 12.91 12.86 5.53
CA ASP B 21 14.09 13.37 6.25
C ASP B 21 13.61 14.20 7.47
N GLY B 22 12.60 15.03 7.24
CA GLY B 22 12.01 15.88 8.33
C GLY B 22 11.49 15.03 9.49
N CYS B 23 10.84 13.93 9.13
CA CYS B 23 10.39 12.95 10.13
C CYS B 23 11.54 12.43 10.95
N ASN B 24 12.57 11.95 10.28
CA ASN B 24 13.70 11.34 10.99
C ASN B 24 14.47 12.34 11.80
N GLU B 25 14.49 13.57 11.35
CA GLU B 25 15.15 14.67 12.04
C GLU B 25 14.26 15.33 13.13
N ALA B 26 13.01 14.91 13.23
CA ALA B 26 12.03 15.51 14.15
C ALA B 26 12.01 17.03 13.92
N ASP B 27 12.07 17.41 12.65
CA ASP B 27 12.16 18.83 12.25
C ASP B 27 10.79 19.25 11.74
N GLU B 28 10.03 19.87 12.64
CA GLU B 28 8.66 20.22 12.32
C GLU B 28 8.50 21.20 11.20
N ALA B 29 9.31 22.26 11.20
CA ALA B 29 9.24 23.22 10.09
C ALA B 29 9.50 22.56 8.73
N LYS B 30 10.46 21.65 8.72
CA LYS B 30 10.80 20.94 7.47
CA LYS B 30 10.82 20.94 7.49
C LYS B 30 9.62 20.10 6.99
N ILE B 32 6.40 20.46 7.85
CA ILE B 32 5.24 21.33 7.52
C ILE B 32 5.31 21.93 6.10
N ALA B 33 6.51 22.25 5.64
CA ALA B 33 6.74 22.82 4.34
C ALA B 33 6.48 21.84 3.20
N CYS B 34 6.29 20.56 3.50
CA CYS B 34 6.01 19.55 2.47
C CYS B 34 4.50 19.36 2.21
N PHE B 35 3.68 20.06 2.99
CA PHE B 35 2.24 19.90 2.91
C PHE B 35 1.49 21.19 2.65
N VAL B 36 0.30 21.06 2.08
CA VAL B 36 -0.64 22.17 2.07
C VAL B 36 -1.08 22.22 3.57
N PRO B 37 -1.40 23.43 4.07
CA PRO B 37 -1.67 23.52 5.51
C PRO B 37 -2.76 22.61 6.07
N GLU B 38 -3.76 22.33 5.26
CA GLU B 38 -4.91 21.54 5.69
C GLU B 38 -4.77 20.05 5.35
N ALA B 39 -3.55 19.59 5.07
CA ALA B 39 -3.34 18.19 4.69
C ALA B 39 -3.81 17.28 5.79
N VAL B 40 -4.32 16.11 5.40
CA VAL B 40 -4.82 15.13 6.36
C VAL B 40 -4.08 13.80 6.16
N HIS B 41 -3.69 13.16 7.26
CA HIS B 41 -3.09 11.84 7.22
C HIS B 41 -4.08 10.85 7.86
N TYR B 42 -4.42 9.81 7.10
CA TYR B 42 -5.33 8.76 7.55
C TYR B 42 -4.55 7.50 7.85
N PHE B 43 -5.11 6.68 8.72
CA PHE B 43 -4.52 5.46 9.21
C PHE B 43 -5.61 4.40 9.36
N PRO B 44 -5.22 3.14 9.54
CA PRO B 44 -6.23 2.11 9.81
C PRO B 44 -7.10 2.47 11.01
N ALA B 45 -8.40 2.24 10.88
CA ALA B 45 -9.35 2.54 11.93
C ALA B 45 -8.90 1.77 13.17
N GLY B 46 -8.93 2.45 14.32
CA GLY B 46 -8.40 1.92 15.60
C GLY B 46 -6.92 2.31 15.78
N TYR B 48 -4.16 5.78 16.45
CA TYR B 48 -3.83 7.18 16.80
C TYR B 48 -5.00 8.06 17.26
N GLY B 49 -6.18 7.45 17.41
CA GLY B 49 -7.40 8.14 17.79
C GLY B 49 -8.15 8.62 16.57
N GLY B 50 -7.53 8.45 15.38
CA GLY B 50 -8.10 8.89 14.14
C GLY B 50 -7.08 9.60 13.29
N ALA B 51 -7.58 10.38 12.36
CA ALA B 51 -6.77 11.09 11.39
C ALA B 51 -6.02 12.24 11.99
N PHE B 52 -4.86 12.55 11.41
CA PHE B 52 -4.12 13.75 11.77
C PHE B 52 -4.60 14.83 10.81
N ARG B 53 -5.15 15.90 11.37
CA ARG B 53 -5.71 16.97 10.57
C ARG B 53 -4.88 18.22 10.64
N GLY B 54 -4.21 18.49 9.52
CA GLY B 54 -3.38 19.66 9.38
C GLY B 54 -1.91 19.30 9.39
N ALA B 55 -1.15 20.02 8.60
CA ALA B 55 0.30 19.83 8.49
C ALA B 55 0.97 19.95 9.87
N ALA B 56 0.58 20.95 10.66
CA ALA B 56 1.20 21.15 11.97
C ALA B 56 0.95 19.93 12.89
N GLN B 57 -0.24 19.38 12.84
CA GLN B 57 -0.54 18.21 13.67
C GLN B 57 0.27 16.99 13.23
N ILE B 58 0.36 16.78 11.94
CA ILE B 58 1.16 15.68 11.41
C ILE B 58 2.59 15.79 11.92
N ALA B 59 3.18 16.97 11.79
CA ALA B 59 4.55 17.17 12.17
C ALA B 59 4.77 17.00 13.67
N HIS B 60 3.85 17.51 14.47
CA HIS B 60 3.96 17.33 15.90
C HIS B 60 3.89 15.86 16.32
N ARG B 61 3.00 15.09 15.69
CA ARG B 61 2.86 13.69 16.00
C ARG B 61 4.16 12.97 15.71
N TRP B 62 4.78 13.23 14.57
CA TRP B 62 6.03 12.55 14.25
C TRP B 62 7.18 12.98 15.15
N ARG B 63 7.24 14.25 15.50
CA ARG B 63 8.27 14.69 16.45
C ARG B 63 8.09 13.92 17.77
N THR B 64 6.87 13.82 18.25
CA THR B 64 6.61 13.08 19.48
C THR B 64 7.03 11.61 19.37
N ALA B 65 6.77 11.00 18.21
CA ALA B 65 7.15 9.61 17.98
C ALA B 65 8.66 9.43 18.06
N VAL B 66 9.40 10.32 17.45
CA VAL B 66 10.86 10.21 17.56
C VAL B 66 11.29 10.33 19.01
N GLU B 67 10.73 11.30 19.72
CA GLU B 67 11.14 11.50 21.12
C GLU B 67 10.74 10.39 22.07
N THR B 68 9.60 9.79 21.83
CA THR B 68 9.08 8.77 22.73
C THR B 68 9.47 7.35 22.32
N LEU B 69 9.39 7.06 21.02
CA LEU B 69 9.64 5.71 20.50
C LEU B 69 11.03 5.56 19.84
N GLY B 70 11.74 6.65 19.55
CA GLY B 70 12.95 6.57 18.77
C GLY B 70 12.68 6.20 17.32
N SER B 71 11.49 6.53 16.84
CA SER B 71 11.06 6.26 15.50
C SER B 71 12.08 6.67 14.44
N TYR B 72 12.25 5.80 13.47
CA TYR B 72 13.02 6.11 12.27
C TYR B 72 12.28 5.47 11.13
N TRP B 73 12.10 6.20 10.03
CA TRP B 73 11.37 5.71 8.88
C TRP B 73 12.24 5.58 7.66
N THR B 74 12.14 4.45 6.99
CA THR B 74 12.81 4.24 5.73
C THR B 74 11.81 4.23 4.60
N ILE B 75 12.24 4.74 3.45
CA ILE B 75 11.51 4.62 2.17
C ILE B 75 12.08 3.37 1.50
N ASP B 76 11.28 2.31 1.43
CA ASP B 76 11.73 1.03 0.88
C ASP B 76 11.37 0.87 -0.61
N ALA B 77 10.29 1.51 -1.01
CA ALA B 77 9.93 1.55 -2.43
C ALA B 77 9.14 2.83 -2.64
N LEU B 78 9.23 3.39 -3.83
CA LEU B 78 8.60 4.66 -4.13
C LEU B 78 8.06 4.61 -5.55
N VAL B 79 6.73 4.71 -5.67
CA VAL B 79 5.99 4.60 -6.93
C VAL B 79 5.35 5.97 -7.17
N ILE B 80 5.75 6.64 -8.24
CA ILE B 80 5.29 8.01 -8.45
C ILE B 80 4.63 8.12 -9.83
N ASP B 81 3.41 8.63 -9.84
CA ASP B 81 2.62 8.78 -11.07
C ASP B 81 2.49 10.26 -11.43
N ALA B 82 3.29 10.69 -12.40
CA ALA B 82 3.31 12.08 -12.81
C ALA B 82 2.06 12.44 -13.60
N GLU B 83 1.34 11.48 -14.15
CA GLU B 83 0.10 11.74 -14.87
CA GLU B 83 0.13 11.80 -14.87
C GLU B 83 -1.03 12.11 -13.89
N THR B 84 -1.08 11.47 -12.74
CA THR B 84 -2.17 11.72 -11.79
C THR B 84 -1.76 12.53 -10.57
N ALA B 85 -0.49 12.88 -10.46
CA ALA B 85 -0.02 13.60 -9.29
C ALA B 85 -0.29 12.84 -7.99
N GLU B 86 -0.01 11.53 -8.06
CA GLU B 86 -0.17 10.65 -6.91
C GLU B 86 1.08 9.80 -6.79
N ALA B 87 1.30 9.31 -5.58
CA ALA B 87 2.42 8.44 -5.30
C ALA B 87 2.04 7.39 -4.28
N ALA B 88 2.86 6.35 -4.17
CA ALA B 88 2.74 5.38 -3.11
C ALA B 88 4.14 5.10 -2.58
N ILE B 89 4.20 4.89 -1.26
CA ILE B 89 5.47 4.66 -0.59
C ILE B 89 5.36 3.41 0.25
N GLU B 90 6.30 2.46 0.08
CA GLU B 90 6.44 1.28 0.96
C GLU B 90 7.49 1.74 1.98
N TRP B 91 7.15 1.63 3.27
CA TRP B 91 7.98 2.21 4.32
C TRP B 91 8.15 1.24 5.49
N THR B 92 9.13 1.53 6.33
CA THR B 92 9.31 0.86 7.60
C THR B 92 9.43 1.88 8.71
N HIS B 93 8.69 1.64 9.79
CA HIS B 93 8.75 2.43 10.99
C HIS B 93 9.46 1.59 12.03
N PHE B 94 10.72 1.96 12.32
CA PHE B 94 11.54 1.32 13.34
C PHE B 94 11.24 2.04 14.66
N LYS B 95 10.55 1.37 15.57
CA LYS B 95 10.26 1.92 16.91
C LYS B 95 11.43 1.49 17.77
N THR B 96 12.52 2.20 17.56
CA THR B 96 13.82 1.78 18.07
C THR B 96 13.81 1.48 19.55
N ASN B 97 13.20 2.39 20.31
CA ASN B 97 13.25 2.31 21.78
C ASN B 97 12.49 1.10 22.31
N GLN B 98 11.57 0.58 21.51
CA GLN B 98 10.78 -0.59 21.89
C GLN B 98 11.29 -1.87 21.23
N ASP B 99 12.34 -1.79 20.41
CA ASP B 99 12.80 -2.93 19.63
C ASP B 99 11.65 -3.54 18.82
N LYS B 100 10.85 -2.68 18.22
CA LYS B 100 9.72 -3.12 17.37
C LYS B 100 9.85 -2.53 15.98
N VAL B 101 9.32 -3.25 15.00
CA VAL B 101 9.30 -2.85 13.62
C VAL B 101 7.87 -2.96 13.05
N LEU B 102 7.44 -1.92 12.37
CA LEU B 102 6.16 -1.91 11.67
C LEU B 102 6.41 -1.49 10.26
N ARG B 103 6.02 -2.33 9.29
CA ARG B 103 6.16 -1.99 7.89
C ARG B 103 4.78 -1.72 7.33
N GLY B 104 4.73 -0.99 6.23
CA GLY B 104 3.45 -0.67 5.62
C GLY B 104 3.63 0.08 4.32
N ALA B 105 2.55 0.59 3.80
CA ALA B 105 2.60 1.37 2.57
C ALA B 105 1.58 2.48 2.69
N GLU B 106 1.79 3.56 1.96
CA GLU B 106 0.81 4.64 1.97
C GLU B 106 0.64 5.27 0.62
N CYS B 107 -0.60 5.70 0.35
CA CYS B 107 -0.91 6.44 -0.84
C CYS B 107 -0.81 7.93 -0.52
N VAL B 108 -0.30 8.71 -1.47
CA VAL B 108 -0.04 10.12 -1.27
C VAL B 108 -0.65 10.89 -2.43
N GLU B 109 -1.45 11.91 -2.11
CA GLU B 109 -1.98 12.78 -3.14
C GLU B 109 -1.31 14.13 -3.05
N PHE B 110 -0.92 14.69 -4.19
CA PHE B 110 -0.39 16.04 -4.25
C PHE B 110 -1.43 17.05 -4.71
N ASP B 111 -1.22 18.28 -4.27
CA ASP B 111 -1.98 19.44 -4.73
C ASP B 111 -1.14 19.97 -5.88
N ARG B 112 -1.68 19.97 -7.10
CA ARG B 112 -0.90 20.39 -8.26
C ARG B 112 -0.44 21.84 -8.26
N ALA B 113 -1.28 22.73 -7.77
CA ALA B 113 -0.94 24.16 -7.76
C ALA B 113 0.30 24.47 -6.93
N SER B 114 0.44 23.83 -5.77
CA SER B 114 1.53 24.11 -4.84
C SER B 114 2.67 23.14 -5.00
N GLY B 115 2.35 21.96 -5.52
CA GLY B 115 3.31 20.89 -5.68
C GLY B 115 3.59 20.20 -4.35
N LEU B 116 2.70 20.41 -3.36
CA LEU B 116 2.85 19.85 -2.01
C LEU B 116 1.86 18.73 -1.72
N ILE B 117 2.11 17.97 -0.66
CA ILE B 117 1.25 16.86 -0.28
C ILE B 117 -0.05 17.37 0.33
N ARG B 118 -1.18 16.83 -0.10
CA ARG B 118 -2.48 17.19 0.45
C ARG B 118 -3.14 16.07 1.26
N GLU B 119 -2.71 14.81 1.06
CA GLU B 119 -3.32 13.71 1.79
C GLU B 119 -2.40 12.51 1.77
N ILE B 120 -2.39 11.75 2.87
CA ILE B 120 -1.67 10.49 2.97
C ILE B 120 -2.63 9.49 3.59
N ARG B 121 -2.72 8.29 2.99
CA ARG B 121 -3.57 7.21 3.48
C ARG B 121 -2.63 6.01 3.72
N ALA B 122 -2.44 5.62 4.99
CA ALA B 122 -1.50 4.57 5.37
C ALA B 122 -2.19 3.24 5.71
N PHE B 123 -1.44 2.18 5.36
CA PHE B 123 -1.83 0.77 5.50
C PHE B 123 -0.66 0.01 6.12
N TYR B 124 -0.93 -1.08 6.84
CA TYR B 124 0.09 -1.77 7.61
C TYR B 124 0.27 -3.21 7.20
N ALA B 125 1.48 -3.70 7.40
CA ALA B 125 1.75 -5.15 7.28
C ALA B 125 1.34 -5.82 8.58
N SER B 126 0.05 -5.70 8.90
CA SER B 126 -0.54 -6.27 10.08
C SER B 126 -1.72 -7.14 9.64
N PRO B 127 -1.88 -8.30 10.26
CA PRO B 127 -2.97 -9.20 9.86
C PRO B 127 -4.36 -8.60 10.17
N GLN B 128 -5.36 -9.06 9.43
CA GLN B 128 -6.74 -8.66 9.64
C GLN B 128 -7.10 -8.91 11.07
N ALA B 129 -7.64 -7.90 11.75
CA ALA B 129 -8.06 -8.03 13.16
C ALA B 129 -9.28 -8.91 13.22
N GLU B 130 -9.29 -9.85 14.15
CA GLU B 130 -10.44 -10.75 14.26
C GLU B 130 -11.65 -10.03 14.82
N GLY B 131 -12.81 -10.42 14.31
CA GLY B 131 -14.09 -9.91 14.80
C GLY B 131 -14.47 -8.48 14.44
N ILE B 132 -13.77 -7.90 13.46
CA ILE B 132 -14.03 -6.55 13.03
C ILE B 132 -14.66 -6.63 11.64
N ALA B 133 -15.87 -6.10 11.49
CA ALA B 133 -16.59 -6.24 10.24
C ALA B 133 -16.02 -5.40 9.11
N ARG B 134 -15.53 -4.19 9.43
CA ARG B 134 -15.03 -3.27 8.43
CA ARG B 134 -15.01 -3.27 8.45
C ARG B 134 -13.61 -2.84 8.81
N LEU B 135 -12.65 -3.28 8.04
CA LEU B 135 -11.26 -2.93 8.27
C LEU B 135 -10.91 -1.92 7.21
N GLU B 136 -10.92 -0.63 7.54
CA GLU B 136 -10.75 0.43 6.59
C GLU B 136 -10.13 1.61 7.31
N LEU B 137 -9.83 2.67 6.60
CA LEU B 137 -9.21 3.83 7.22
C LEU B 137 -10.17 4.55 8.19
N GLY B 138 -9.64 4.98 9.33
CA GLY B 138 -10.42 5.72 10.30
C GLY B 138 -10.70 7.14 9.82
N ASP B 139 -11.93 7.59 10.06
CA ASP B 139 -12.36 8.98 9.78
C ASP B 139 -12.36 9.36 8.30
N PHE B 140 -12.27 8.37 7.43
CA PHE B 140 -12.20 8.60 6.00
C PHE B 140 -13.60 8.51 5.44
N ASP B 141 -13.97 9.51 4.65
CA ASP B 141 -15.32 9.59 4.08
C ASP B 141 -15.44 8.75 2.82
N TYR B 142 -15.48 7.43 2.97
CA TYR B 142 -15.54 6.56 1.81
C TYR B 142 -16.72 6.86 0.88
N ALA B 143 -17.91 7.00 1.47
CA ALA B 143 -19.08 7.24 0.63
C ALA B 143 -18.97 8.57 -0.15
N GLY B 144 -18.54 9.62 0.53
CA GLY B 144 -18.41 10.95 -0.11
C GLY B 144 -17.32 11.02 -1.17
N ARG B 145 -16.28 10.21 -0.97
CA ARG B 145 -15.16 10.12 -1.90
C ARG B 145 -15.36 9.15 -3.07
N GLY B 146 -16.54 8.54 -3.14
CA GLY B 146 -16.91 7.71 -4.27
C GLY B 146 -16.46 6.27 -4.21
N TYR B 147 -16.01 5.82 -3.06
CA TYR B 147 -15.64 4.42 -2.91
C TYR B 147 -16.89 3.59 -2.66
N ARG B 148 -16.90 2.33 -3.13
CA ARG B 148 -18.05 1.47 -2.81
C ARG B 148 -17.95 1.17 -1.35
N VAL B 149 -19.10 1.09 -0.72
CA VAL B 149 -19.22 0.76 0.66
CA VAL B 149 -19.18 0.73 0.67
C VAL B 149 -19.87 -0.60 0.90
N THR B 150 -20.57 -1.12 -0.09
CA THR B 150 -21.26 -2.39 -0.02
C THR B 150 -20.78 -3.24 -1.19
N SER B 151 -20.60 -4.55 -0.98
CA SER B 151 -20.12 -5.39 -2.06
C SER B 151 -21.07 -5.32 -3.28
N PRO B 152 -20.46 -5.18 -4.49
CA PRO B 152 -21.26 -5.30 -5.72
C PRO B 152 -21.86 -6.68 -5.94
N ARG B 153 -21.28 -7.71 -5.32
CA ARG B 153 -21.74 -9.05 -5.57
C ARG B 153 -22.99 -9.42 -4.77
N LYS B 154 -23.93 -10.07 -5.40
CA LYS B 154 -25.12 -10.54 -4.68
C LYS B 154 -24.68 -11.59 -3.63
N PRO B 155 -25.10 -11.40 -2.36
CA PRO B 155 -24.70 -12.39 -1.37
C PRO B 155 -25.32 -13.77 -1.66
N ALA B 156 -24.58 -14.81 -1.28
CA ALA B 156 -25.02 -16.19 -1.51
C ALA B 156 -26.21 -16.48 -0.59
#